data_9MGJ
#
_entry.id   9MGJ
#
_cell.length_a   93.012
_cell.length_b   93.012
_cell.length_c   130.529
_cell.angle_alpha   90.00
_cell.angle_beta   90.00
_cell.angle_gamma   120.00
#
_symmetry.space_group_name_H-M   'H 3 2'
#
loop_
_entity.id
_entity.type
_entity.pdbx_description
1 polymer 'Purine nucleoside phosphorylase, putative'
2 non-polymer GLYCEROL
3 non-polymer alpha-D-mannopyranose
4 water water
#
_entity_poly.entity_id   1
_entity_poly.type   'polypeptide(L)'
_entity_poly.pdbx_seq_one_letter_code
;MAHHHHHHMATPHNSAKVGDFAETVLMCGDPLRAKLIADNYLENAKQVNSVRGMLGFTGTYKGKPLSVMGHGMGIPSISI
YAEELYNVYKVKTIIRVGTCGTVDPNVHVRDVCIVTASGTDSNVNRMRLLGHDFPATANFEVVSALVESAKALNIPTQVG
KAYSTDIFYSKEQGLNEALAQYHFIAVEMESAGLFPIADYYGARAGCICTVSDHIITHESATPEERQTSFQNMIKIALEA
TLKL
;
_entity_poly.pdbx_strand_id   A
#
# COMPACT_ATOMS: atom_id res chain seq x y z
N HIS A 5 17.89 -25.58 -9.77
CA HIS A 5 17.12 -26.03 -10.95
C HIS A 5 16.07 -24.98 -11.36
N HIS A 6 15.42 -25.21 -12.49
CA HIS A 6 14.43 -24.30 -13.04
C HIS A 6 13.05 -24.65 -12.48
N HIS A 7 12.28 -23.63 -12.14
CA HIS A 7 10.93 -23.78 -11.60
C HIS A 7 9.92 -23.18 -12.57
N HIS A 8 8.69 -23.70 -12.56
CA HIS A 8 7.66 -23.16 -13.42
C HIS A 8 7.33 -21.73 -12.98
N MET A 9 7.10 -20.86 -13.95
CA MET A 9 6.83 -19.44 -13.69
CA MET A 9 6.83 -19.44 -13.71
C MET A 9 5.42 -19.12 -14.17
N ALA A 10 4.51 -18.88 -13.22
CA ALA A 10 3.14 -18.53 -13.57
C ALA A 10 3.06 -17.13 -14.15
N THR A 11 3.99 -16.27 -13.79
CA THR A 11 4.14 -14.97 -14.42
C THR A 11 5.64 -14.77 -14.65
N PRO A 12 6.04 -13.76 -15.43
CA PRO A 12 7.48 -13.51 -15.59
C PRO A 12 8.16 -13.02 -14.33
N HIS A 13 7.41 -12.64 -13.30
CA HIS A 13 7.96 -11.93 -12.15
C HIS A 13 7.64 -12.63 -10.84
N ASN A 14 7.00 -13.79 -10.88
CA ASN A 14 6.53 -14.42 -9.66
C ASN A 14 6.59 -15.91 -9.82
N SER A 15 7.29 -16.58 -8.91
CA SER A 15 7.41 -18.04 -8.94
C SER A 15 6.30 -18.73 -8.17
N ALA A 16 5.40 -17.99 -7.53
CA ALA A 16 4.32 -18.63 -6.81
C ALA A 16 3.44 -19.42 -7.76
N LYS A 17 3.01 -20.59 -7.30
CA LYS A 17 2.03 -21.35 -8.04
C LYS A 17 0.66 -20.70 -7.90
N VAL A 18 -0.17 -20.85 -8.94
CA VAL A 18 -1.54 -20.38 -8.82
CA VAL A 18 -1.55 -20.39 -8.84
C VAL A 18 -2.17 -21.03 -7.59
N GLY A 19 -2.88 -20.21 -6.81
CA GLY A 19 -3.44 -20.67 -5.56
C GLY A 19 -2.58 -20.42 -4.35
N ASP A 20 -1.30 -20.09 -4.54
CA ASP A 20 -0.36 -19.88 -3.44
C ASP A 20 -0.52 -18.53 -2.74
N PHE A 21 -1.31 -17.60 -3.30
CA PHE A 21 -1.64 -16.36 -2.63
C PHE A 21 -3.03 -16.42 -2.03
N ALA A 22 -3.16 -15.90 -0.82
CA ALA A 22 -4.48 -15.74 -0.22
C ALA A 22 -5.27 -14.68 -0.99
N GLU A 23 -6.57 -14.63 -0.74
CA GLU A 23 -7.41 -13.64 -1.40
C GLU A 23 -7.15 -12.23 -0.89
N THR A 24 -6.53 -12.09 0.27
CA THR A 24 -6.18 -10.80 0.84
C THR A 24 -4.67 -10.71 0.94
N VAL A 25 -4.11 -9.59 0.47
CA VAL A 25 -2.66 -9.40 0.42
C VAL A 25 -2.32 -8.02 0.95
N LEU A 26 -1.34 -7.96 1.85
CA LEU A 26 -0.67 -6.70 2.18
C LEU A 26 0.56 -6.57 1.31
N MET A 27 0.81 -5.35 0.80
CA MET A 27 2.02 -5.12 0.04
C MET A 27 2.73 -3.88 0.55
N CYS A 28 4.06 -3.96 0.63
CA CYS A 28 4.90 -2.84 0.99
C CYS A 28 6.02 -2.77 -0.04
N GLY A 29 6.68 -1.62 -0.13
CA GLY A 29 7.70 -1.48 -1.16
C GLY A 29 8.90 -2.37 -0.95
N ASP A 30 9.37 -2.46 0.30
CA ASP A 30 10.62 -3.13 0.63
C ASP A 30 10.36 -4.61 0.85
N PRO A 31 10.92 -5.51 0.02
CA PRO A 31 10.70 -6.94 0.27
C PRO A 31 11.23 -7.42 1.59
N LEU A 32 12.27 -6.77 2.11
CA LEU A 32 12.76 -7.15 3.42
C LEU A 32 11.76 -6.82 4.51
N ARG A 33 10.95 -5.79 4.30
CA ARG A 33 9.88 -5.50 5.24
C ARG A 33 8.73 -6.49 5.11
N ALA A 34 8.48 -6.98 3.89
CA ALA A 34 7.51 -8.05 3.74
C ALA A 34 7.93 -9.27 4.56
N LYS A 35 9.22 -9.61 4.52
CA LYS A 35 9.71 -10.72 5.33
C LYS A 35 9.54 -10.46 6.82
N LEU A 36 9.84 -9.23 7.26
CA LEU A 36 9.63 -8.91 8.67
CA LEU A 36 9.63 -8.89 8.67
C LEU A 36 8.17 -9.07 9.07
N ILE A 37 7.25 -8.63 8.21
CA ILE A 37 5.83 -8.78 8.50
C ILE A 37 5.47 -10.25 8.62
N ALA A 38 5.90 -11.05 7.64
CA ALA A 38 5.59 -12.49 7.67
C ALA A 38 6.15 -13.13 8.94
N ASP A 39 7.42 -12.84 9.24
CA ASP A 39 8.09 -13.51 10.34
C ASP A 39 7.51 -13.14 11.69
N ASN A 40 6.91 -11.96 11.82
CA ASN A 40 6.45 -11.47 13.11
C ASN A 40 4.95 -11.48 13.29
N TYR A 41 4.17 -11.58 12.22
CA TYR A 41 2.73 -11.49 12.34
C TYR A 41 1.95 -12.62 11.68
N LEU A 42 2.56 -13.40 10.80
CA LEU A 42 1.84 -14.49 10.16
C LEU A 42 2.18 -15.81 10.83
N GLU A 43 1.19 -16.70 10.87
CA GLU A 43 1.42 -18.09 11.19
C GLU A 43 1.20 -18.92 9.94
N ASN A 44 1.58 -20.20 10.00
CA ASN A 44 1.45 -21.10 8.86
C ASN A 44 2.14 -20.54 7.62
N ALA A 45 3.20 -19.77 7.83
CA ALA A 45 3.78 -18.98 6.75
C ALA A 45 4.74 -19.79 5.89
N LYS A 46 4.69 -19.55 4.60
CA LYS A 46 5.67 -20.06 3.67
C LYS A 46 6.04 -18.96 2.68
N GLN A 47 7.29 -18.97 2.25
CA GLN A 47 7.72 -18.09 1.18
C GLN A 47 7.21 -18.63 -0.15
N VAL A 48 6.54 -17.79 -0.92
CA VAL A 48 5.96 -18.20 -2.19
C VAL A 48 6.58 -17.52 -3.39
N ASN A 49 7.34 -16.45 -3.21
CA ASN A 49 8.05 -15.85 -4.32
C ASN A 49 9.43 -15.39 -3.88
N SER A 50 10.40 -15.57 -4.77
CA SER A 50 11.75 -15.08 -4.58
C SER A 50 12.30 -14.36 -5.80
N VAL A 51 11.54 -14.31 -6.90
CA VAL A 51 12.04 -13.76 -8.15
C VAL A 51 12.38 -12.29 -7.95
N ARG A 52 13.54 -11.88 -8.49
CA ARG A 52 14.04 -10.52 -8.37
C ARG A 52 14.22 -10.07 -6.92
N GLY A 53 14.29 -11.02 -5.99
CA GLY A 53 14.36 -10.68 -4.58
C GLY A 53 13.09 -10.10 -4.02
N MET A 54 11.99 -10.13 -4.78
CA MET A 54 10.74 -9.47 -4.36
C MET A 54 9.95 -10.47 -3.51
N LEU A 55 10.41 -10.63 -2.27
CA LEU A 55 9.91 -11.69 -1.40
C LEU A 55 8.40 -11.58 -1.18
N GLY A 56 7.74 -12.74 -1.24
CA GLY A 56 6.32 -12.81 -0.93
C GLY A 56 6.07 -14.08 -0.12
N PHE A 57 5.06 -14.00 0.74
CA PHE A 57 4.77 -15.02 1.73
C PHE A 57 3.27 -15.20 1.86
N THR A 58 2.85 -16.41 2.23
CA THR A 58 1.44 -16.68 2.47
C THR A 58 1.33 -17.45 3.78
N GLY A 59 0.37 -17.05 4.61
CA GLY A 59 0.10 -17.74 5.86
C GLY A 59 -1.28 -17.33 6.34
N THR A 60 -1.40 -17.11 7.64
CA THR A 60 -2.65 -16.70 8.26
C THR A 60 -2.37 -15.61 9.27
N TYR A 61 -3.34 -14.73 9.47
CA TYR A 61 -3.32 -13.79 10.59
C TYR A 61 -4.59 -14.07 11.39
N LYS A 62 -4.42 -14.46 12.64
CA LYS A 62 -5.52 -14.88 13.50
C LYS A 62 -6.42 -15.90 12.80
N GLY A 63 -5.80 -16.83 12.07
CA GLY A 63 -6.47 -17.93 11.44
C GLY A 63 -6.96 -17.67 10.04
N LYS A 64 -7.01 -16.41 9.60
CA LYS A 64 -7.57 -16.06 8.29
C LYS A 64 -6.45 -16.00 7.26
N PRO A 65 -6.63 -16.58 6.07
CA PRO A 65 -5.55 -16.55 5.06
C PRO A 65 -5.14 -15.11 4.75
N LEU A 66 -3.83 -14.90 4.68
CA LEU A 66 -3.28 -13.59 4.38
C LEU A 66 -1.91 -13.77 3.77
N SER A 67 -1.63 -13.01 2.70
CA SER A 67 -0.32 -12.97 2.09
C SER A 67 0.30 -11.59 2.27
N VAL A 68 1.63 -11.53 2.15
CA VAL A 68 2.35 -10.26 2.19
CA VAL A 68 2.39 -10.29 2.24
C VAL A 68 3.48 -10.34 1.19
N MET A 69 3.64 -9.29 0.38
CA MET A 69 4.67 -9.29 -0.63
CA MET A 69 4.71 -9.29 -0.61
C MET A 69 5.18 -7.89 -0.89
N GLY A 70 6.45 -7.80 -1.24
CA GLY A 70 7.00 -6.52 -1.69
C GLY A 70 6.46 -6.09 -3.04
N HIS A 71 6.44 -4.77 -3.29
CA HIS A 71 6.02 -4.25 -4.59
C HIS A 71 7.05 -3.39 -5.28
N GLY A 72 8.19 -3.10 -4.66
CA GLY A 72 9.19 -2.25 -5.29
C GLY A 72 8.78 -0.79 -5.26
N MET A 73 9.53 0.04 -5.95
CA MET A 73 9.30 1.48 -5.91
C MET A 73 8.74 1.98 -7.23
N GLY A 74 7.61 2.69 -7.14
CA GLY A 74 6.99 3.41 -8.22
C GLY A 74 5.83 2.68 -8.86
N ILE A 75 5.03 3.47 -9.57
CA ILE A 75 3.82 2.98 -10.22
C ILE A 75 4.09 1.81 -11.17
N PRO A 76 5.09 1.87 -12.05
CA PRO A 76 5.26 0.74 -12.97
C PRO A 76 5.55 -0.57 -12.25
N SER A 77 6.29 -0.51 -11.14
CA SER A 77 6.63 -1.73 -10.38
C SER A 77 5.39 -2.30 -9.68
N ILE A 78 4.66 -1.48 -8.92
CA ILE A 78 3.46 -2.01 -8.27
C ILE A 78 2.46 -2.48 -9.32
N SER A 79 2.41 -1.81 -10.49
CA SER A 79 1.45 -2.23 -11.49
C SER A 79 1.69 -3.65 -11.96
N ILE A 80 2.96 -4.01 -12.20
CA ILE A 80 3.27 -5.37 -12.59
C ILE A 80 2.79 -6.34 -11.53
N TYR A 81 3.17 -6.10 -10.29
CA TYR A 81 2.91 -7.11 -9.25
C TYR A 81 1.42 -7.21 -8.97
N ALA A 82 0.73 -6.07 -8.92
CA ALA A 82 -0.68 -6.06 -8.57
C ALA A 82 -1.54 -6.59 -9.71
N GLU A 83 -1.22 -6.22 -10.97
CA GLU A 83 -1.94 -6.80 -12.09
C GLU A 83 -1.90 -8.32 -12.02
N GLU A 84 -0.71 -8.87 -11.78
CA GLU A 84 -0.57 -10.32 -11.71
C GLU A 84 -1.35 -10.92 -10.54
N LEU A 85 -1.30 -10.26 -9.38
CA LEU A 85 -2.02 -10.79 -8.22
C LEU A 85 -3.52 -10.86 -8.48
N TYR A 86 -4.11 -9.78 -9.00
CA TYR A 86 -5.55 -9.80 -9.27
C TYR A 86 -5.88 -10.75 -10.41
N ASN A 87 -5.05 -10.80 -11.45
CA ASN A 87 -5.39 -11.55 -12.65
C ASN A 87 -5.05 -13.03 -12.51
N VAL A 88 -3.77 -13.34 -12.32
CA VAL A 88 -3.33 -14.73 -12.28
C VAL A 88 -3.62 -15.37 -10.94
N TYR A 89 -3.40 -14.65 -9.85
CA TYR A 89 -3.52 -15.24 -8.52
C TYR A 89 -4.90 -15.05 -7.90
N LYS A 90 -5.82 -14.38 -8.58
N LYS A 90 -5.81 -14.34 -8.58
CA LYS A 90 -7.22 -14.29 -8.17
CA LYS A 90 -7.22 -14.25 -8.21
C LYS A 90 -7.38 -13.65 -6.80
C LYS A 90 -7.45 -13.55 -6.87
N VAL A 91 -6.50 -12.70 -6.49
CA VAL A 91 -6.60 -11.93 -5.27
C VAL A 91 -7.82 -11.00 -5.34
N LYS A 92 -8.47 -10.81 -4.19
CA LYS A 92 -9.64 -9.96 -4.11
C LYS A 92 -9.38 -8.61 -3.45
N THR A 93 -8.44 -8.51 -2.53
CA THR A 93 -8.20 -7.32 -1.74
C THR A 93 -6.71 -7.13 -1.55
N ILE A 94 -6.18 -5.96 -1.91
CA ILE A 94 -4.81 -5.59 -1.61
C ILE A 94 -4.82 -4.31 -0.79
N ILE A 95 -4.10 -4.33 0.33
CA ILE A 95 -3.83 -3.13 1.11
C ILE A 95 -2.35 -2.83 1.01
N ARG A 96 -2.02 -1.69 0.43
CA ARG A 96 -0.67 -1.18 0.44
C ARG A 96 -0.37 -0.58 1.81
N VAL A 97 0.76 -0.97 2.39
CA VAL A 97 1.22 -0.48 3.68
C VAL A 97 2.57 0.15 3.43
N GLY A 98 2.70 1.42 3.75
CA GLY A 98 3.90 2.11 3.35
C GLY A 98 4.29 3.24 4.26
N THR A 99 5.28 4.00 3.83
CA THR A 99 5.69 5.23 4.49
C THR A 99 5.47 6.35 3.50
N CYS A 100 5.42 7.57 4.01
CA CYS A 100 5.16 8.71 3.16
C CYS A 100 5.77 9.96 3.76
N GLY A 101 5.87 11.00 2.93
CA GLY A 101 6.10 12.35 3.42
C GLY A 101 4.78 13.08 3.55
N THR A 102 4.83 14.26 4.16
CA THR A 102 3.67 15.14 4.17
C THR A 102 4.10 16.58 3.99
N VAL A 103 3.21 17.38 3.40
CA VAL A 103 3.35 18.83 3.35
C VAL A 103 2.26 19.54 4.13
N ASP A 104 1.27 18.82 4.63
CA ASP A 104 0.11 19.49 5.21
C ASP A 104 0.50 20.11 6.55
N PRO A 105 0.10 21.35 6.82
CA PRO A 105 0.55 21.99 8.07
C PRO A 105 0.06 21.32 9.33
N ASN A 106 -1.00 20.51 9.26
CA ASN A 106 -1.59 19.87 10.42
C ASN A 106 -1.36 18.36 10.45
N VAL A 107 -0.52 17.84 9.56
CA VAL A 107 -0.10 16.45 9.59
C VAL A 107 1.34 16.43 10.08
N HIS A 108 1.65 15.50 10.97
CA HIS A 108 2.93 15.47 11.66
C HIS A 108 3.63 14.13 11.44
N VAL A 109 4.96 14.17 11.55
CA VAL A 109 5.74 12.94 11.52
C VAL A 109 5.20 11.96 12.55
N ARG A 110 5.17 10.69 12.18
CA ARG A 110 4.64 9.53 12.90
C ARG A 110 3.12 9.40 12.75
N ASP A 111 2.43 10.34 12.13
CA ASP A 111 1.00 10.18 11.93
C ASP A 111 0.72 9.01 10.98
N VAL A 112 -0.42 8.36 11.20
CA VAL A 112 -0.93 7.31 10.36
C VAL A 112 -1.97 7.91 9.42
N CYS A 113 -1.79 7.70 8.13
CA CYS A 113 -2.64 8.27 7.09
C CYS A 113 -3.35 7.14 6.35
N ILE A 114 -4.67 7.22 6.30
CA ILE A 114 -5.48 6.28 5.54
C ILE A 114 -5.95 6.99 4.29
N VAL A 115 -5.69 6.39 3.13
CA VAL A 115 -5.85 7.07 1.84
C VAL A 115 -7.23 6.80 1.25
N THR A 116 -7.96 7.87 0.93
CA THR A 116 -9.24 7.73 0.25
C THR A 116 -9.10 7.77 -1.26
N ALA A 117 -8.14 8.54 -1.80
CA ALA A 117 -7.88 8.63 -3.23
C ALA A 117 -6.48 9.21 -3.37
N SER A 118 -5.89 9.05 -4.56
CA SER A 118 -4.52 9.47 -4.78
CA SER A 118 -4.50 9.47 -4.79
C SER A 118 -4.38 10.20 -6.11
N GLY A 119 -3.77 11.38 -6.07
CA GLY A 119 -3.40 12.08 -7.28
C GLY A 119 -2.07 11.53 -7.80
N THR A 120 -1.64 12.02 -8.96
CA THR A 120 -0.39 11.54 -9.53
C THR A 120 0.08 12.47 -10.64
N ASP A 121 1.39 12.41 -10.91
CA ASP A 121 2.00 13.01 -12.08
C ASP A 121 2.30 11.97 -13.16
N SER A 122 1.88 10.73 -12.97
CA SER A 122 1.97 9.68 -13.97
C SER A 122 0.89 9.84 -15.03
N ASN A 123 1.13 9.26 -16.22
CA ASN A 123 0.13 9.20 -17.27
C ASN A 123 -0.72 7.94 -17.28
N VAL A 124 -0.49 7.00 -16.34
CA VAL A 124 -1.10 5.69 -16.52
C VAL A 124 -2.61 5.72 -16.44
N ASN A 125 -3.19 6.65 -15.67
CA ASN A 125 -4.64 6.68 -15.51
C ASN A 125 -5.31 7.45 -16.64
N ARG A 126 -4.66 8.50 -17.15
CA ARG A 126 -5.16 9.12 -18.37
C ARG A 126 -5.26 8.11 -19.48
N MET A 127 -4.27 7.21 -19.58
CA MET A 127 -4.24 6.18 -20.62
CA MET A 127 -4.28 6.23 -20.66
CA MET A 127 -4.29 6.23 -20.66
C MET A 127 -5.44 5.24 -20.53
N ARG A 128 -6.00 5.08 -19.32
CA ARG A 128 -7.12 4.18 -19.11
C ARG A 128 -8.47 4.82 -19.38
N LEU A 129 -8.56 6.15 -19.41
CA LEU A 129 -9.85 6.82 -19.48
C LEU A 129 -9.86 7.90 -20.57
N LEU A 130 -9.36 7.53 -21.75
CA LEU A 130 -9.48 8.37 -22.95
CA LEU A 130 -9.48 8.39 -22.94
C LEU A 130 -8.85 9.76 -22.73
N GLY A 131 -7.80 9.81 -21.92
CA GLY A 131 -7.08 11.02 -21.64
C GLY A 131 -7.66 11.89 -20.56
N HIS A 132 -8.76 11.48 -19.93
CA HIS A 132 -9.46 12.30 -18.96
C HIS A 132 -8.92 12.09 -17.55
N ASP A 133 -9.52 12.76 -16.57
CA ASP A 133 -9.15 12.59 -15.15
C ASP A 133 -9.89 11.39 -14.58
N PHE A 134 -9.11 10.39 -14.16
CA PHE A 134 -9.60 9.14 -13.59
C PHE A 134 -9.06 9.10 -12.16
N PRO A 135 -9.88 9.33 -11.14
CA PRO A 135 -9.35 9.34 -9.76
C PRO A 135 -9.00 7.93 -9.32
N ALA A 136 -7.76 7.77 -8.86
CA ALA A 136 -7.35 6.54 -8.22
C ALA A 136 -7.98 6.51 -6.84
N THR A 137 -8.98 5.65 -6.66
CA THR A 137 -9.89 5.75 -5.52
C THR A 137 -9.85 4.44 -4.75
N ALA A 138 -9.65 4.54 -3.44
CA ALA A 138 -9.67 3.36 -2.58
C ALA A 138 -11.10 2.86 -2.42
N ASN A 139 -11.25 1.55 -2.27
CA ASN A 139 -12.54 0.97 -2.00
C ASN A 139 -13.04 1.36 -0.61
N PHE A 140 -14.34 1.72 -0.53
CA PHE A 140 -14.86 2.25 0.71
C PHE A 140 -14.83 1.23 1.85
N GLU A 141 -15.16 -0.03 1.56
CA GLU A 141 -15.11 -1.05 2.61
C GLU A 141 -13.70 -1.17 3.17
N VAL A 142 -12.67 -1.06 2.31
CA VAL A 142 -11.30 -1.13 2.79
C VAL A 142 -10.97 0.08 3.65
N VAL A 143 -11.30 1.28 3.17
CA VAL A 143 -11.04 2.48 3.97
C VAL A 143 -11.70 2.35 5.33
N SER A 144 -12.97 1.96 5.32
CA SER A 144 -13.73 1.86 6.55
CA SER A 144 -13.74 1.85 6.56
C SER A 144 -13.13 0.82 7.48
N ALA A 145 -12.68 -0.31 6.94
CA ALA A 145 -12.08 -1.32 7.80
C ALA A 145 -10.82 -0.78 8.47
N LEU A 146 -10.00 -0.02 7.73
CA LEU A 146 -8.81 0.58 8.32
C LEU A 146 -9.19 1.60 9.40
N VAL A 147 -10.17 2.46 9.11
CA VAL A 147 -10.59 3.47 10.08
C VAL A 147 -11.11 2.81 11.35
N GLU A 148 -11.97 1.81 11.20
CA GLU A 148 -12.58 1.18 12.36
C GLU A 148 -11.56 0.39 13.16
N SER A 149 -10.61 -0.25 12.47
CA SER A 149 -9.57 -0.97 13.19
CA SER A 149 -9.55 -0.96 13.17
C SER A 149 -8.71 -0.02 14.02
N ALA A 150 -8.35 1.14 13.46
CA ALA A 150 -7.55 2.09 14.23
C ALA A 150 -8.34 2.62 15.42
N LYS A 151 -9.63 2.86 15.24
CA LYS A 151 -10.45 3.31 16.37
CA LYS A 151 -10.47 3.30 16.35
C LYS A 151 -10.47 2.27 17.48
N ALA A 152 -10.64 1.00 17.13
CA ALA A 152 -10.67 -0.04 18.15
C ALA A 152 -9.33 -0.15 18.88
N LEU A 153 -8.23 0.12 18.19
CA LEU A 153 -6.90 0.11 18.77
C LEU A 153 -6.53 1.43 19.45
N ASN A 154 -7.41 2.43 19.39
CA ASN A 154 -7.16 3.74 19.98
CA ASN A 154 -7.16 3.75 19.98
C ASN A 154 -5.91 4.40 19.37
N ILE A 155 -5.75 4.25 18.06
CA ILE A 155 -4.66 4.88 17.31
C ILE A 155 -5.25 5.98 16.45
N PRO A 156 -4.90 7.25 16.67
CA PRO A 156 -5.43 8.32 15.81
CA PRO A 156 -5.43 8.32 15.81
C PRO A 156 -4.98 8.18 14.37
N THR A 157 -5.81 8.63 13.45
CA THR A 157 -5.51 8.59 12.03
C THR A 157 -5.92 9.88 11.34
N GLN A 158 -5.21 10.16 10.26
CA GLN A 158 -5.58 11.16 9.27
C GLN A 158 -6.19 10.42 8.09
N VAL A 159 -7.29 10.91 7.54
CA VAL A 159 -7.96 10.23 6.43
C VAL A 159 -8.10 11.23 5.30
N GLY A 160 -7.59 10.91 4.11
CA GLY A 160 -7.69 11.85 3.01
C GLY A 160 -6.79 11.46 1.84
N LYS A 161 -6.46 12.47 1.04
CA LYS A 161 -5.82 12.23 -0.25
C LYS A 161 -4.32 12.00 -0.13
N ALA A 162 -3.82 11.10 -0.96
CA ALA A 162 -2.40 10.95 -1.20
C ALA A 162 -2.05 11.53 -2.57
N TYR A 163 -0.76 11.69 -2.82
CA TYR A 163 -0.21 12.06 -4.12
C TYR A 163 0.93 11.11 -4.40
N SER A 164 0.80 10.37 -5.51
CA SER A 164 1.80 9.39 -5.94
C SER A 164 2.63 10.00 -7.06
N THR A 165 3.91 10.25 -6.79
CA THR A 165 4.81 10.83 -7.77
C THR A 165 5.75 9.79 -8.36
N ASP A 166 6.06 9.97 -9.64
CA ASP A 166 7.11 9.21 -10.33
C ASP A 166 8.52 9.64 -9.92
N ILE A 167 8.68 10.80 -9.28
CA ILE A 167 9.99 11.42 -9.07
C ILE A 167 10.20 11.66 -7.59
N PHE A 168 10.97 10.76 -6.96
CA PHE A 168 11.37 10.96 -5.57
C PHE A 168 12.15 12.26 -5.41
N TYR A 169 13.09 12.52 -6.31
CA TYR A 169 13.98 13.68 -6.20
C TYR A 169 13.38 14.85 -6.98
N SER A 170 12.33 15.42 -6.41
CA SER A 170 11.59 16.47 -7.09
C SER A 170 12.42 17.73 -7.25
N LYS A 171 12.26 18.37 -8.40
CA LYS A 171 12.82 19.68 -8.69
C LYS A 171 11.70 20.66 -9.05
N GLU A 172 10.47 20.34 -8.70
CA GLU A 172 9.29 21.00 -9.24
C GLU A 172 8.84 22.15 -8.34
N GLN A 173 9.09 23.37 -8.75
CA GLN A 173 8.69 24.55 -8.00
C GLN A 173 7.18 24.63 -7.92
N GLY A 174 6.67 24.93 -6.72
CA GLY A 174 5.27 25.14 -6.51
C GLY A 174 4.46 23.90 -6.21
N LEU A 175 5.04 22.71 -6.36
CA LEU A 175 4.29 21.48 -6.13
C LEU A 175 3.86 21.37 -4.67
N ASN A 176 4.80 21.56 -3.74
CA ASN A 176 4.48 21.38 -2.33
C ASN A 176 3.41 22.36 -1.88
N GLU A 177 3.47 23.59 -2.40
CA GLU A 177 2.52 24.60 -2.02
C GLU A 177 1.11 24.23 -2.49
N ALA A 178 1.01 23.70 -3.71
CA ALA A 178 -0.30 23.27 -4.20
C ALA A 178 -0.83 22.07 -3.43
N LEU A 179 0.03 21.09 -3.16
CA LEU A 179 -0.40 19.94 -2.38
C LEU A 179 -0.91 20.37 -1.02
N ALA A 180 -0.22 21.32 -0.39
CA ALA A 180 -0.64 21.80 0.92
C ALA A 180 -1.94 22.58 0.84
N GLN A 181 -2.09 23.40 -0.19
CA GLN A 181 -3.29 24.22 -0.32
C GLN A 181 -4.54 23.37 -0.38
N TYR A 182 -4.45 22.21 -1.02
CA TYR A 182 -5.59 21.32 -1.20
C TYR A 182 -5.58 20.17 -0.21
N HIS A 183 -4.71 20.24 0.79
CA HIS A 183 -4.73 19.32 1.93
C HIS A 183 -4.55 17.86 1.51
N PHE A 184 -3.59 17.63 0.61
CA PHE A 184 -3.08 16.28 0.44
C PHE A 184 -2.30 15.91 1.70
N ILE A 185 -2.58 14.75 2.27
CA ILE A 185 -1.99 14.37 3.54
C ILE A 185 -0.74 13.50 3.41
N ALA A 186 -0.58 12.80 2.29
CA ALA A 186 0.51 11.84 2.12
C ALA A 186 1.12 12.01 0.74
N VAL A 187 2.44 12.01 0.68
CA VAL A 187 3.17 12.02 -0.58
C VAL A 187 3.95 10.71 -0.63
N GLU A 188 3.68 9.91 -1.64
CA GLU A 188 4.32 8.59 -1.80
C GLU A 188 4.44 8.33 -3.31
N MET A 189 4.63 7.08 -3.71
CA MET A 189 4.98 6.80 -5.10
C MET A 189 4.16 5.70 -5.79
N GLU A 190 3.23 5.02 -5.11
CA GLU A 190 2.60 3.85 -5.70
C GLU A 190 1.08 3.78 -5.71
N SER A 191 0.40 4.36 -4.73
CA SER A 191 -1.02 4.03 -4.56
C SER A 191 -1.88 4.41 -5.76
N ALA A 192 -1.54 5.49 -6.46
CA ALA A 192 -2.34 5.88 -7.62
C ALA A 192 -2.30 4.85 -8.75
N GLY A 193 -1.28 3.99 -8.77
CA GLY A 193 -1.26 2.92 -9.76
C GLY A 193 -2.03 1.69 -9.35
N LEU A 194 -2.26 1.51 -8.06
CA LEU A 194 -2.90 0.31 -7.54
C LEU A 194 -4.41 0.36 -7.72
N PHE A 195 -5.04 1.46 -7.35
CA PHE A 195 -6.49 1.49 -7.28
C PHE A 195 -7.16 1.24 -8.63
N PRO A 196 -6.68 1.80 -9.74
CA PRO A 196 -7.34 1.53 -11.03
C PRO A 196 -7.21 0.11 -11.49
N ILE A 197 -6.13 -0.58 -11.11
CA ILE A 197 -6.00 -2.00 -11.44
C ILE A 197 -7.02 -2.83 -10.67
N ALA A 198 -7.22 -2.53 -9.39
CA ALA A 198 -8.29 -3.18 -8.63
C ALA A 198 -9.63 -2.97 -9.32
N ASP A 199 -9.90 -1.73 -9.78
CA ASP A 199 -11.15 -1.45 -10.48
C ASP A 199 -11.28 -2.34 -11.71
N TYR A 200 -10.22 -2.44 -12.52
CA TYR A 200 -10.30 -3.22 -13.75
C TYR A 200 -10.74 -4.64 -13.48
N TYR A 201 -10.25 -5.22 -12.38
CA TYR A 201 -10.55 -6.60 -12.02
C TYR A 201 -11.79 -6.74 -11.14
N GLY A 202 -12.53 -5.67 -10.91
CA GLY A 202 -13.71 -5.77 -10.05
C GLY A 202 -13.34 -6.14 -8.63
N ALA A 203 -12.17 -5.71 -8.18
CA ALA A 203 -11.59 -6.07 -6.89
C ALA A 203 -11.41 -4.81 -6.06
N ARG A 204 -10.74 -4.96 -4.92
CA ARG A 204 -10.67 -3.90 -3.93
CA ARG A 204 -10.68 -3.93 -3.89
C ARG A 204 -9.23 -3.61 -3.54
N ALA A 205 -8.99 -2.35 -3.20
CA ALA A 205 -7.68 -1.92 -2.74
C ALA A 205 -7.82 -0.75 -1.78
N GLY A 206 -6.79 -0.59 -0.96
CA GLY A 206 -6.64 0.57 -0.11
C GLY A 206 -5.19 0.79 0.21
N CYS A 207 -4.91 1.84 0.97
CA CYS A 207 -3.55 2.19 1.32
C CYS A 207 -3.53 2.87 2.68
N ILE A 208 -2.54 2.49 3.50
CA ILE A 208 -2.27 3.15 4.76
C ILE A 208 -0.77 3.39 4.83
N CYS A 209 -0.37 4.59 5.28
CA CYS A 209 1.04 4.97 5.35
CA CYS A 209 1.05 4.88 5.40
C CYS A 209 1.31 5.69 6.66
N THR A 210 2.56 5.61 7.11
CA THR A 210 3.02 6.43 8.23
C THR A 210 3.95 7.50 7.72
N VAL A 211 3.85 8.69 8.31
CA VAL A 211 4.65 9.83 7.91
C VAL A 211 6.06 9.69 8.47
N SER A 212 7.04 9.53 7.57
CA SER A 212 8.43 9.47 7.98
CA SER A 212 8.44 9.47 7.96
C SER A 212 9.10 10.83 7.98
N ASP A 213 8.62 11.78 7.15
CA ASP A 213 9.28 13.07 6.98
C ASP A 213 8.24 14.14 6.71
N HIS A 214 8.45 15.34 7.28
CA HIS A 214 7.67 16.53 6.92
C HIS A 214 8.48 17.30 5.90
N ILE A 215 7.97 17.34 4.67
CA ILE A 215 8.71 17.94 3.56
C ILE A 215 8.94 19.43 3.77
N ILE A 216 8.05 20.10 4.51
CA ILE A 216 8.16 21.55 4.71
C ILE A 216 9.05 21.88 5.91
N THR A 217 8.71 21.34 7.08
CA THR A 217 9.46 21.67 8.29
C THR A 217 10.79 20.94 8.40
N HIS A 218 10.99 19.88 7.61
CA HIS A 218 12.20 19.06 7.59
C HIS A 218 12.29 18.07 8.74
N GLU A 219 11.24 17.94 9.56
CA GLU A 219 11.27 16.93 10.61
C GLU A 219 11.33 15.53 10.01
N SER A 220 11.98 14.62 10.73
CA SER A 220 12.21 13.27 10.23
C SER A 220 12.20 12.30 11.40
N ALA A 221 11.50 11.19 11.24
CA ALA A 221 11.43 10.21 12.30
C ALA A 221 12.75 9.44 12.38
N THR A 222 13.17 9.13 13.61
CA THR A 222 14.36 8.33 13.84
C THR A 222 14.06 6.88 13.49
N PRO A 223 15.07 6.03 13.40
CA PRO A 223 14.78 4.61 13.11
C PRO A 223 13.83 3.99 14.11
N GLU A 224 14.00 4.31 15.40
CA GLU A 224 13.14 3.75 16.42
C GLU A 224 11.73 4.28 16.30
N GLU A 225 11.59 5.57 15.97
CA GLU A 225 10.25 6.13 15.75
C GLU A 225 9.59 5.50 14.55
N ARG A 226 10.36 5.23 13.49
CA ARG A 226 9.78 4.56 12.33
C ARG A 226 9.33 3.15 12.69
N GLN A 227 10.08 2.46 13.56
CA GLN A 227 9.65 1.13 13.97
C GLN A 227 8.34 1.19 14.74
N THR A 228 8.22 2.16 15.66
CA THR A 228 6.98 2.29 16.42
C THR A 228 5.82 2.65 15.50
N SER A 229 6.02 3.57 14.55
CA SER A 229 4.93 3.91 13.65
CA SER A 229 4.97 3.92 13.61
C SER A 229 4.56 2.70 12.79
N PHE A 230 5.56 1.95 12.32
CA PHE A 230 5.27 0.74 11.56
C PHE A 230 4.45 -0.24 12.38
N GLN A 231 4.79 -0.43 13.65
CA GLN A 231 4.03 -1.36 14.48
C GLN A 231 2.58 -0.94 14.62
N ASN A 232 2.33 0.37 14.78
CA ASN A 232 0.95 0.84 14.85
C ASN A 232 0.22 0.60 13.52
N MET A 233 0.84 1.02 12.42
CA MET A 233 0.20 0.88 11.12
CA MET A 233 0.21 0.88 11.13
C MET A 233 -0.05 -0.57 10.76
N ILE A 234 0.93 -1.45 10.99
CA ILE A 234 0.75 -2.84 10.57
C ILE A 234 -0.35 -3.50 11.37
N LYS A 235 -0.48 -3.19 12.67
CA LYS A 235 -1.55 -3.77 13.45
C LYS A 235 -2.91 -3.31 12.94
N ILE A 236 -3.03 -2.04 12.57
CA ILE A 236 -4.28 -1.54 11.97
C ILE A 236 -4.59 -2.32 10.70
N ALA A 237 -3.59 -2.49 9.83
CA ALA A 237 -3.84 -3.18 8.57
C ALA A 237 -4.23 -4.62 8.80
N LEU A 238 -3.51 -5.32 9.70
CA LEU A 238 -3.79 -6.73 9.96
C LEU A 238 -5.19 -6.92 10.53
N GLU A 239 -5.55 -6.09 11.50
CA GLU A 239 -6.91 -6.19 12.06
C GLU A 239 -7.95 -5.87 10.99
N ALA A 240 -7.65 -4.93 10.09
CA ALA A 240 -8.59 -4.61 9.03
C ALA A 240 -8.82 -5.80 8.11
N THR A 241 -7.80 -6.62 7.87
CA THR A 241 -7.99 -7.76 6.98
C THR A 241 -9.04 -8.73 7.51
N LEU A 242 -9.23 -8.77 8.84
CA LEU A 242 -10.25 -9.66 9.40
C LEU A 242 -11.65 -9.26 9.02
N LYS A 243 -11.84 -8.00 8.62
CA LYS A 243 -13.13 -7.44 8.22
CA LYS A 243 -13.17 -7.53 8.23
C LYS A 243 -13.34 -7.49 6.71
N LEU A 244 -12.39 -8.04 5.95
CA LEU A 244 -12.36 -7.97 4.49
C LEU A 244 -12.21 -9.32 3.78
#